data_4OHZ
#
_entry.id   4OHZ
#
_cell.length_a   99.660
_cell.length_b   99.660
_cell.length_c   40.830
_cell.angle_alpha   90.00
_cell.angle_beta   90.00
_cell.angle_gamma   120.00
#
_symmetry.space_group_name_H-M   'P 31'
#
loop_
_entity.id
_entity.type
_entity.pdbx_description
1 polymer 'Protein clpf-1'
2 polymer "RNA (5'-R(*GP*AP*AP*A)-3')"
3 non-polymer "ADENOSINE-5'-DIPHOSPHATE"
4 non-polymer 'MAGNESIUM ION'
5 non-polymer SARCOSINE
6 non-polymer 'NONAETHYLENE GLYCOL'
7 water water
#
loop_
_entity_poly.entity_id
_entity_poly.type
_entity_poly.pdbx_seq_one_letter_code
_entity_poly.pdbx_strand_id
1 'polypeptide(L)'
;GSHMSEENVQEFVLKEDCELRFAAGDDSDVCLELVKGYAEIFGTELLLNKKYTFPAKSRVAAFTWKGATIELVGTTESAY
VAESTPMVIYLNIHAAMEEVRKKREEQAAGNSNKAKGPRLLLVGPTDVGKTTVSRILCNYSVRQGRTPIFVELDVGQNSV
SVPGTVAAVLVQKTADVIDGFERNQPIVFNFGHTSPSANLSLYEALFKEMATTLNAQIQENDEAKIGGMIINTCGWVDGE
GYKCIVKAASAFEVDVVIVLDHERLYSDLSKELPEFVRLTHVPKSGGVEQRTGQIRSKMRGENVHRYFYGTRANNLYPFT
FDVSFDDVTLCKIGAEQLPDSCLPFGMEVENHETKLVIMEPSADIKHHLFAFSRSTKADENVLKSPVFGFCLVTEVDLEK
RTMSILCPQRTIPSKVLVFSDITHLDDQIKR
;
A
2 'polyribonucleotide' GAAA B
#
loop_
_chem_comp.id
_chem_comp.type
_chem_comp.name
_chem_comp.formula
2PE non-polymer 'NONAETHYLENE GLYCOL' 'C18 H38 O10'
A RNA linking ADENOSINE-5'-MONOPHOSPHATE 'C10 H14 N5 O7 P'
ADP non-polymer ADENOSINE-5'-DIPHOSPHATE 'C10 H15 N5 O10 P2'
G RNA linking GUANOSINE-5'-MONOPHOSPHATE 'C10 H14 N5 O8 P'
MG non-polymer 'MAGNESIUM ION' 'Mg 2'
#
# COMPACT_ATOMS: atom_id res chain seq x y z
N GLU A 7 -20.59 -28.61 5.43
CA GLU A 7 -19.63 -27.53 5.85
C GLU A 7 -20.00 -26.89 7.19
N ASN A 8 -19.00 -26.79 8.06
CA ASN A 8 -19.19 -26.44 9.46
C ASN A 8 -19.26 -24.94 9.70
N VAL A 9 -20.18 -24.54 10.58
CA VAL A 9 -20.58 -23.15 10.75
C VAL A 9 -20.37 -22.63 12.18
N GLN A 10 -19.91 -21.38 12.28
CA GLN A 10 -19.76 -20.71 13.58
C GLN A 10 -20.57 -19.40 13.58
N GLU A 11 -21.39 -19.21 14.62
CA GLU A 11 -22.24 -18.04 14.74
C GLU A 11 -21.72 -17.15 15.86
N PHE A 12 -21.67 -15.84 15.62
CA PHE A 12 -21.13 -14.87 16.59
C PHE A 12 -22.08 -13.71 16.78
N VAL A 13 -22.34 -13.37 18.04
CA VAL A 13 -23.10 -12.18 18.40
C VAL A 13 -22.10 -11.12 18.84
N LEU A 14 -22.02 -10.01 18.10
CA LEU A 14 -21.16 -8.86 18.48
C LEU A 14 -22.00 -7.74 19.08
N LYS A 15 -21.69 -7.35 20.32
CA LYS A 15 -22.30 -6.13 20.90
C LYS A 15 -21.74 -4.91 20.17
N GLU A 16 -22.30 -3.74 20.44
CA GLU A 16 -21.77 -2.51 19.88
C GLU A 16 -20.30 -2.31 20.28
N ASP A 17 -19.49 -1.87 19.33
CA ASP A 17 -18.06 -1.58 19.53
C ASP A 17 -17.19 -2.84 19.78
N CYS A 18 -17.60 -3.97 19.22
CA CYS A 18 -16.84 -5.22 19.31
C CYS A 18 -16.43 -5.63 17.92
N GLU A 19 -15.37 -6.43 17.81
CA GLU A 19 -15.02 -7.01 16.53
C GLU A 19 -14.83 -8.51 16.58
N LEU A 20 -15.24 -9.17 15.52
CA LEU A 20 -14.98 -10.57 15.32
C LEU A 20 -13.64 -10.63 14.67
N ARG A 21 -12.67 -11.19 15.39
CA ARG A 21 -11.34 -11.42 14.85
C ARG A 21 -11.23 -12.88 14.48
N PHE A 22 -10.91 -13.15 13.22
CA PHE A 22 -10.69 -14.52 12.81
C PHE A 22 -9.58 -14.61 11.77
N ALA A 23 -9.05 -15.82 11.63
CA ALA A 23 -8.04 -16.13 10.64
C ALA A 23 -8.44 -17.43 9.96
N ALA A 24 -8.45 -17.43 8.63
CA ALA A 24 -8.81 -18.62 7.87
C ALA A 24 -7.70 -19.64 8.06
N GLY A 25 -8.06 -20.91 7.90
CA GLY A 25 -7.12 -22.00 8.10
C GLY A 25 -5.93 -21.95 7.17
N ASP A 26 -5.02 -22.90 7.35
CA ASP A 26 -3.84 -23.00 6.50
C ASP A 26 -4.19 -23.55 5.12
N ASP A 27 -5.31 -24.28 5.04
CA ASP A 27 -5.65 -25.07 3.86
C ASP A 27 -6.91 -24.61 3.14
N SER A 28 -7.92 -24.13 3.87
CA SER A 28 -9.26 -23.88 3.30
C SER A 28 -9.69 -22.41 3.36
N ASP A 29 -10.75 -22.09 2.62
CA ASP A 29 -11.39 -20.78 2.68
C ASP A 29 -12.35 -20.71 3.86
N VAL A 30 -12.62 -19.48 4.28
CA VAL A 30 -13.66 -19.18 5.26
C VAL A 30 -14.61 -18.19 4.62
N CYS A 31 -15.91 -18.46 4.74
CA CYS A 31 -16.93 -17.53 4.23
C CYS A 31 -17.60 -16.77 5.39
N LEU A 32 -17.77 -15.47 5.21
CA LEU A 32 -18.38 -14.60 6.23
C LEU A 32 -19.68 -14.01 5.70
N GLU A 33 -20.70 -13.97 6.55
CA GLU A 33 -21.98 -13.35 6.20
C GLU A 33 -22.53 -12.57 7.38
N LEU A 34 -22.74 -11.27 7.20
CA LEU A 34 -23.52 -10.46 8.13
C LEU A 34 -24.98 -10.87 7.98
N VAL A 35 -25.55 -11.41 9.04
CA VAL A 35 -26.94 -11.86 9.02
C VAL A 35 -27.89 -10.96 9.81
N LYS A 36 -27.33 -10.10 10.66
CA LYS A 36 -28.12 -9.05 11.29
C LYS A 36 -27.23 -7.88 11.67
N GLY A 37 -27.80 -6.68 11.57
CA GLY A 37 -27.14 -5.48 12.05
C GLY A 37 -26.24 -4.86 11.01
N TYR A 38 -25.22 -4.16 11.48
CA TYR A 38 -24.30 -3.39 10.64
C TYR A 38 -22.88 -3.75 11.08
N ALA A 39 -22.00 -3.96 10.11
CA ALA A 39 -20.60 -4.29 10.37
C ALA A 39 -19.75 -3.68 9.30
N GLU A 40 -18.46 -3.57 9.60
CA GLU A 40 -17.49 -3.08 8.64
C GLU A 40 -16.20 -3.84 8.80
N ILE A 41 -15.44 -4.00 7.72
CA ILE A 41 -14.13 -4.64 7.75
C ILE A 41 -13.08 -3.63 7.29
N PHE A 42 -12.24 -3.20 8.23
CA PHE A 42 -11.22 -2.17 8.00
C PHE A 42 -11.77 -0.96 7.28
N GLY A 43 -12.96 -0.56 7.69
CA GLY A 43 -13.53 0.72 7.24
C GLY A 43 -14.51 0.61 6.11
N THR A 44 -14.62 -0.56 5.48
CA THR A 44 -15.59 -0.79 4.43
CA THR A 44 -15.62 -0.78 4.42
C THR A 44 -16.84 -1.46 5.01
N GLU A 45 -18.00 -0.88 4.73
CA GLU A 45 -19.27 -1.41 5.18
C GLU A 45 -19.56 -2.74 4.52
N LEU A 46 -20.03 -3.69 5.33
CA LEU A 46 -20.50 -4.97 4.84
C LEU A 46 -21.97 -4.88 4.46
N LEU A 47 -22.32 -5.54 3.38
CA LEU A 47 -23.69 -5.67 2.93
C LEU A 47 -24.36 -6.83 3.63
N LEU A 48 -25.55 -6.57 4.16
CA LEU A 48 -26.38 -7.60 4.81
C LEU A 48 -26.59 -8.81 3.91
N ASN A 49 -26.34 -9.99 4.45
CA ASN A 49 -26.60 -11.28 3.78
C ASN A 49 -25.70 -11.60 2.59
N LYS A 50 -24.65 -10.81 2.38
CA LYS A 50 -23.72 -11.09 1.30
C LYS A 50 -22.65 -12.02 1.81
N LYS A 51 -22.19 -12.93 0.95
CA LYS A 51 -21.17 -13.91 1.31
C LYS A 51 -19.78 -13.44 0.84
N TYR A 52 -18.91 -13.09 1.78
CA TYR A 52 -17.51 -12.76 1.51
C TYR A 52 -16.61 -13.96 1.77
N THR A 53 -16.05 -14.52 0.70
CA THR A 53 -15.12 -15.64 0.82
C THR A 53 -13.69 -15.11 0.96
N PHE A 54 -13.07 -15.40 2.10
CA PHE A 54 -11.69 -15.03 2.36
C PHE A 54 -10.86 -16.27 2.19
N PRO A 55 -9.65 -16.14 1.61
CA PRO A 55 -8.79 -17.31 1.38
C PRO A 55 -7.94 -17.69 2.58
N ALA A 56 -7.32 -18.86 2.50
CA ALA A 56 -6.50 -19.41 3.59
C ALA A 56 -5.50 -18.39 4.15
N LYS A 57 -5.29 -18.43 5.46
CA LYS A 57 -4.32 -17.60 6.16
C LYS A 57 -4.69 -16.11 6.29
N SER A 58 -5.86 -15.72 5.79
CA SER A 58 -6.35 -14.35 5.96
C SER A 58 -6.49 -14.04 7.42
N ARG A 59 -6.19 -12.82 7.82
CA ARG A 59 -6.49 -12.35 9.18
C ARG A 59 -7.36 -11.14 9.05
N VAL A 60 -8.53 -11.21 9.68
CA VAL A 60 -9.59 -10.24 9.47
C VAL A 60 -10.27 -9.88 10.78
N ALA A 61 -10.73 -8.63 10.84
CA ALA A 61 -11.59 -8.19 11.89
C ALA A 61 -12.80 -7.51 11.28
N ALA A 62 -13.98 -7.97 11.68
CA ALA A 62 -15.25 -7.33 11.32
C ALA A 62 -15.74 -6.60 12.56
N PHE A 63 -15.76 -5.26 12.50
CA PHE A 63 -16.14 -4.39 13.61
C PHE A 63 -17.54 -3.84 13.41
N THR A 64 -18.26 -3.61 14.51
CA THR A 64 -19.58 -3.00 14.48
C THR A 64 -19.68 -1.83 15.49
N TRP A 65 -20.26 -0.71 15.05
CA TRP A 65 -20.55 0.41 15.95
C TRP A 65 -21.91 0.27 16.63
N LYS A 66 -22.78 -0.59 16.10
CA LYS A 66 -24.16 -0.67 16.58
C LYS A 66 -24.57 -2.03 17.14
N GLY A 67 -23.87 -3.10 16.76
CA GLY A 67 -24.27 -4.47 17.13
C GLY A 67 -24.48 -5.29 15.87
N ALA A 68 -24.03 -6.53 15.90
CA ALA A 68 -24.07 -7.38 14.72
C ALA A 68 -24.13 -8.85 15.10
N THR A 69 -24.75 -9.64 14.23
CA THR A 69 -24.64 -11.08 14.26
C THR A 69 -23.99 -11.54 12.97
N ILE A 70 -22.92 -12.31 13.09
CA ILE A 70 -22.12 -12.73 11.94
C ILE A 70 -21.91 -14.24 11.93
N GLU A 71 -22.07 -14.83 10.75
CA GLU A 71 -21.87 -16.27 10.50
C GLU A 71 -20.57 -16.52 9.72
N LEU A 72 -19.77 -17.46 10.20
CA LEU A 72 -18.55 -17.91 9.50
C LEU A 72 -18.70 -19.36 9.08
N VAL A 73 -18.51 -19.64 7.79
CA VAL A 73 -18.59 -20.99 7.24
C VAL A 73 -17.22 -21.43 6.77
N GLY A 74 -16.76 -22.59 7.24
CA GLY A 74 -15.45 -23.13 6.88
C GLY A 74 -14.57 -23.24 8.10
N THR A 75 -13.40 -23.85 7.93
CA THR A 75 -12.47 -24.06 9.03
C THR A 75 -11.65 -22.80 9.32
N THR A 76 -11.67 -22.37 10.58
CA THR A 76 -10.85 -21.26 11.04
C THR A 76 -9.70 -21.77 11.93
N GLU A 77 -8.61 -21.01 11.95
CA GLU A 77 -7.46 -21.27 12.82
C GLU A 77 -7.76 -20.62 14.18
N SER A 78 -8.42 -19.46 14.13
CA SER A 78 -8.86 -18.75 15.32
C SER A 78 -10.08 -17.93 14.95
N ALA A 79 -10.98 -17.72 15.93
CA ALA A 79 -12.16 -16.91 15.74
C ALA A 79 -12.73 -16.55 17.11
N TYR A 80 -12.75 -15.24 17.41
CA TYR A 80 -13.23 -14.75 18.71
C TYR A 80 -13.69 -13.30 18.60
N VAL A 81 -14.56 -12.92 19.52
CA VAL A 81 -15.10 -11.56 19.54
C VAL A 81 -14.32 -10.78 20.59
N ALA A 82 -13.80 -9.62 20.19
CA ALA A 82 -13.07 -8.74 21.10
C ALA A 82 -13.98 -7.56 21.48
N GLU A 83 -14.02 -7.23 22.77
CA GLU A 83 -14.89 -6.16 23.26
C GLU A 83 -14.13 -4.83 23.34
N SER A 84 -12.80 -4.90 23.38
CA SER A 84 -11.96 -3.73 23.48
C SER A 84 -11.10 -3.55 22.24
N THR A 85 -11.25 -2.40 21.58
CA THR A 85 -10.51 -2.07 20.37
C THR A 85 -10.21 -0.58 20.41
N PRO A 86 -9.26 -0.10 19.58
CA PRO A 86 -8.97 1.31 19.47
C PRO A 86 -9.72 2.02 18.34
N MET A 87 -10.84 1.45 17.90
CA MET A 87 -11.57 1.97 16.75
C MET A 87 -12.06 3.41 16.92
N VAL A 88 -12.50 3.80 18.11
CA VAL A 88 -12.90 5.20 18.32
C VAL A 88 -11.75 6.17 18.06
N ILE A 89 -10.53 5.80 18.45
CA ILE A 89 -9.36 6.62 18.18
C ILE A 89 -9.27 6.89 16.69
N TYR A 90 -9.40 5.82 15.90
CA TYR A 90 -9.29 5.91 14.45
C TYR A 90 -10.41 6.77 13.91
N LEU A 91 -11.63 6.63 14.43
CA LEU A 91 -12.73 7.50 14.01
C LEU A 91 -12.45 8.96 14.31
N ASN A 92 -11.94 9.24 15.51
CA ASN A 92 -11.67 10.63 15.92
C ASN A 92 -10.57 11.29 15.06
N ILE A 93 -9.57 10.54 14.63
CA ILE A 93 -8.54 11.10 13.72
C ILE A 93 -9.19 11.51 12.41
N HIS A 94 -10.07 10.67 11.88
CA HIS A 94 -10.83 11.02 10.67
C HIS A 94 -11.70 12.25 10.91
N ALA A 95 -12.44 12.25 12.02
CA ALA A 95 -13.31 13.39 12.38
C ALA A 95 -12.49 14.66 12.39
N ALA A 96 -11.32 14.63 13.02
CA ALA A 96 -10.42 15.79 13.09
C ALA A 96 -9.94 16.24 11.71
N MET A 97 -9.62 15.29 10.84
CA MET A 97 -9.20 15.60 9.48
C MET A 97 -10.27 16.36 8.72
N GLU A 98 -11.51 15.88 8.80
CA GLU A 98 -12.62 16.50 8.07
C GLU A 98 -12.91 17.90 8.60
N GLU A 99 -12.66 18.14 9.88
CA GLU A 99 -12.83 19.50 10.45
C GLU A 99 -11.84 20.47 9.82
N VAL A 100 -10.59 20.05 9.68
CA VAL A 100 -9.57 20.87 9.02
C VAL A 100 -9.97 21.18 7.57
N ARG A 101 -10.52 20.20 6.88
CA ARG A 101 -11.02 20.43 5.52
C ARG A 101 -12.07 21.55 5.45
N LYS A 102 -13.08 21.48 6.32
CA LYS A 102 -14.15 22.50 6.34
C LYS A 102 -13.57 23.88 6.58
N LYS A 103 -12.82 24.02 7.66
CA LYS A 103 -12.12 25.27 7.99
C LYS A 103 -11.34 25.87 6.81
N ARG A 104 -10.62 25.03 6.08
CA ARG A 104 -9.77 25.49 4.98
C ARG A 104 -10.58 25.81 3.72
N GLU A 105 -11.65 25.04 3.49
CA GLU A 105 -12.61 25.34 2.43
C GLU A 105 -13.27 26.72 2.62
N GLU A 106 -13.67 27.01 3.86
CA GLU A 106 -14.24 28.31 4.24
C GLU A 106 -13.22 29.45 4.13
N GLN A 107 -11.94 29.12 4.33
CA GLN A 107 -10.86 30.10 4.21
C GLN A 107 -10.45 30.38 2.76
N ALA A 108 -11.16 29.79 1.79
CA ALA A 108 -10.77 29.85 0.38
C ALA A 108 -11.89 30.38 -0.54
N ALA A 109 -12.69 31.31 -0.01
CA ALA A 109 -13.69 32.03 -0.82
C ALA A 109 -13.01 33.06 -1.74
N LYS A 114 -7.06 27.66 -3.90
CA LYS A 114 -7.88 26.46 -3.64
C LYS A 114 -7.43 25.72 -2.36
N ALA A 115 -8.41 25.25 -1.59
CA ALA A 115 -8.16 24.67 -0.26
C ALA A 115 -7.39 23.35 -0.29
N LYS A 116 -6.44 23.23 0.64
CA LYS A 116 -5.54 22.08 0.70
C LYS A 116 -5.89 21.24 1.91
N GLY A 117 -6.18 19.97 1.67
CA GLY A 117 -6.58 19.07 2.76
C GLY A 117 -5.44 18.65 3.67
N PRO A 118 -5.77 18.10 4.85
CA PRO A 118 -4.78 17.67 5.81
C PRO A 118 -3.98 16.47 5.33
N ARG A 119 -2.73 16.42 5.72
CA ARG A 119 -1.87 15.32 5.34
C ARG A 119 -1.28 14.68 6.58
N LEU A 120 -1.43 13.37 6.62
CA LEU A 120 -1.19 12.58 7.81
C LEU A 120 -0.13 11.53 7.50
N LEU A 121 0.93 11.50 8.33
CA LEU A 121 1.96 10.48 8.21
C LEU A 121 1.81 9.47 9.34
N LEU A 122 1.65 8.19 8.98
CA LEU A 122 1.64 7.10 9.95
C LEU A 122 3.04 6.52 10.05
N VAL A 123 3.57 6.45 11.27
CA VAL A 123 4.91 5.90 11.51
C VAL A 123 4.91 4.86 12.64
N GLY A 124 5.98 4.07 12.71
CA GLY A 124 6.09 3.04 13.73
C GLY A 124 6.64 1.76 13.14
N PRO A 125 6.99 0.80 14.01
CA PRO A 125 7.63 -0.42 13.54
C PRO A 125 6.64 -1.35 12.83
N THR A 126 7.15 -2.47 12.31
CA THR A 126 6.33 -3.40 11.55
C THR A 126 5.34 -4.09 12.47
N ASP A 127 4.22 -4.54 11.91
CA ASP A 127 3.20 -5.29 12.63
C ASP A 127 2.56 -4.52 13.76
N VAL A 128 2.21 -3.27 13.51
CA VAL A 128 1.41 -2.50 14.47
C VAL A 128 0.03 -2.13 13.92
N GLY A 129 -0.30 -2.61 12.72
CA GLY A 129 -1.58 -2.30 12.10
C GLY A 129 -1.58 -1.01 11.32
N LYS A 130 -0.39 -0.57 10.93
CA LYS A 130 -0.24 0.70 10.24
C LYS A 130 -0.98 0.73 8.91
N THR A 131 -0.73 -0.27 8.08
CA THR A 131 -1.42 -0.41 6.79
C THR A 131 -2.93 -0.50 6.97
N THR A 132 -3.35 -1.18 8.03
CA THR A 132 -4.77 -1.37 8.32
C THR A 132 -5.43 -0.03 8.72
N VAL A 133 -4.72 0.78 9.49
CA VAL A 133 -5.20 2.09 9.92
C VAL A 133 -5.28 3.03 8.74
N SER A 134 -4.24 3.01 7.90
CA SER A 134 -4.22 3.78 6.65
CA SER A 134 -4.24 3.80 6.67
C SER A 134 -5.49 3.51 5.88
N ARG A 135 -5.84 2.23 5.79
CA ARG A 135 -6.99 1.74 5.04
C ARG A 135 -8.32 2.17 5.65
N ILE A 136 -8.41 2.11 6.98
CA ILE A 136 -9.60 2.58 7.68
C ILE A 136 -9.78 4.08 7.42
N LEU A 137 -8.72 4.85 7.63
CA LEU A 137 -8.74 6.29 7.40
C LEU A 137 -9.11 6.69 5.97
N CYS A 138 -8.61 5.96 4.98
CA CYS A 138 -8.93 6.24 3.59
C CYS A 138 -10.42 5.97 3.35
N ASN A 139 -10.90 4.84 3.85
CA ASN A 139 -12.31 4.46 3.72
C ASN A 139 -13.25 5.43 4.38
N TYR A 140 -12.90 5.88 5.58
CA TYR A 140 -13.77 6.84 6.28
C TYR A 140 -13.86 8.18 5.54
N SER A 141 -12.76 8.62 4.92
CA SER A 141 -12.78 9.82 4.09
C SER A 141 -13.69 9.66 2.88
N VAL A 142 -13.54 8.53 2.19
CA VAL A 142 -14.42 8.21 1.07
C VAL A 142 -15.89 8.22 1.50
N ARG A 143 -16.16 7.60 2.64
CA ARG A 143 -17.52 7.53 3.18
C ARG A 143 -18.05 8.88 3.61
N GLN A 144 -17.15 9.83 3.83
CA GLN A 144 -17.51 11.22 4.13
C GLN A 144 -17.76 12.02 2.84
N GLY A 145 -17.45 11.44 1.68
CA GLY A 145 -17.64 12.11 0.41
C GLY A 145 -16.36 12.62 -0.24
N ARG A 146 -15.23 12.41 0.43
CA ARG A 146 -13.93 12.92 -0.04
C ARG A 146 -13.19 11.88 -0.87
N THR A 147 -12.16 12.35 -1.57
CA THR A 147 -11.28 11.47 -2.31
C THR A 147 -9.85 11.76 -1.89
N PRO A 148 -9.35 11.03 -0.88
CA PRO A 148 -7.97 11.23 -0.44
C PRO A 148 -6.97 10.60 -1.38
N ILE A 149 -5.72 11.02 -1.28
CA ILE A 149 -4.62 10.33 -1.93
C ILE A 149 -3.91 9.46 -0.90
N PHE A 150 -3.82 8.17 -1.20
CA PHE A 150 -3.11 7.23 -0.36
C PHE A 150 -1.70 7.12 -0.88
N VAL A 151 -0.72 7.54 -0.08
CA VAL A 151 0.68 7.41 -0.44
C VAL A 151 1.34 6.21 0.25
N GLU A 152 1.93 5.34 -0.56
CA GLU A 152 2.54 4.11 -0.08
C GLU A 152 4.05 4.19 -0.29
N LEU A 153 4.77 4.39 0.82
CA LEU A 153 6.23 4.49 0.82
C LEU A 153 6.90 3.18 1.26
N ASP A 154 6.11 2.17 1.63
CA ASP A 154 6.67 0.89 2.06
C ASP A 154 7.00 0.03 0.84
N VAL A 155 8.26 0.05 0.47
CA VAL A 155 8.80 -0.72 -0.63
C VAL A 155 8.82 -2.24 -0.40
N GLY A 156 8.71 -2.65 0.85
CA GLY A 156 8.65 -4.08 1.20
C GLY A 156 7.25 -4.64 1.04
N GLN A 157 6.31 -4.11 1.81
CA GLN A 157 4.93 -4.58 1.84
C GLN A 157 4.04 -3.48 1.30
N ASN A 158 3.86 -3.49 -0.02
CA ASN A 158 3.23 -2.41 -0.75
C ASN A 158 1.82 -2.81 -1.15
N SER A 159 0.84 -2.01 -0.74
CA SER A 159 -0.55 -2.35 -1.04
C SER A 159 -1.08 -1.69 -2.32
N VAL A 160 -0.24 -0.95 -3.05
CA VAL A 160 -0.67 -0.24 -4.27
C VAL A 160 -0.07 -0.86 -5.52
N SER A 161 1.24 -1.10 -5.53
CA SER A 161 1.93 -1.74 -6.66
C SER A 161 2.79 -2.93 -6.20
N VAL A 162 3.76 -3.34 -7.03
CA VAL A 162 4.66 -4.43 -6.69
C VAL A 162 5.64 -4.03 -5.59
N PRO A 163 6.28 -5.00 -4.93
CA PRO A 163 7.33 -4.60 -3.99
C PRO A 163 8.47 -3.90 -4.73
N GLY A 164 9.24 -3.11 -4.00
CA GLY A 164 10.31 -2.31 -4.60
C GLY A 164 9.82 -1.02 -5.26
N THR A 165 8.61 -0.58 -4.92
CA THR A 165 8.08 0.65 -5.47
C THR A 165 7.56 1.58 -4.38
N VAL A 166 7.46 2.84 -4.75
CA VAL A 166 6.85 3.91 -3.97
C VAL A 166 5.69 4.39 -4.83
N ALA A 167 4.48 4.44 -4.30
CA ALA A 167 3.29 4.68 -5.12
C ALA A 167 2.24 5.53 -4.40
N ALA A 168 1.35 6.12 -5.19
CA ALA A 168 0.19 6.88 -4.73
C ALA A 168 -1.01 6.53 -5.61
N VAL A 169 -2.19 6.45 -5.00
CA VAL A 169 -3.43 6.28 -5.74
C VAL A 169 -4.45 7.27 -5.21
N LEU A 170 -5.29 7.78 -6.09
CA LEU A 170 -6.45 8.59 -5.67
C LEU A 170 -7.51 7.59 -5.28
N VAL A 171 -8.02 7.71 -4.06
CA VAL A 171 -9.01 6.77 -3.55
C VAL A 171 -10.39 7.38 -3.71
N GLN A 172 -11.23 6.73 -4.52
CA GLN A 172 -12.57 7.24 -4.86
C GLN A 172 -13.71 6.30 -4.48
N LYS A 173 -13.35 5.08 -4.10
CA LYS A 173 -14.26 4.05 -3.67
C LYS A 173 -13.68 3.43 -2.42
N THR A 174 -14.55 2.96 -1.52
CA THR A 174 -14.07 2.24 -0.36
C THR A 174 -13.36 0.98 -0.84
N ALA A 175 -12.41 0.49 -0.06
CA ALA A 175 -11.72 -0.74 -0.40
C ALA A 175 -12.68 -1.92 -0.53
N ASP A 176 -12.43 -2.79 -1.49
CA ASP A 176 -13.14 -4.06 -1.57
C ASP A 176 -12.76 -4.88 -0.34
N VAL A 177 -13.75 -5.50 0.30
CA VAL A 177 -13.51 -6.24 1.54
C VAL A 177 -12.39 -7.25 1.34
N ILE A 178 -12.49 -8.06 0.30
CA ILE A 178 -11.46 -9.06 -0.02
C ILE A 178 -10.21 -8.46 -0.66
N ASP A 179 -10.39 -7.64 -1.70
CA ASP A 179 -9.28 -7.26 -2.58
C ASP A 179 -8.58 -5.94 -2.31
N GLY A 180 -8.95 -5.22 -1.26
CA GLY A 180 -8.30 -3.93 -0.98
C GLY A 180 -8.75 -2.85 -1.94
N PHE A 181 -7.91 -1.83 -2.12
CA PHE A 181 -8.29 -0.68 -2.96
C PHE A 181 -8.14 -0.94 -4.46
N GLU A 182 -8.86 -0.16 -5.27
CA GLU A 182 -8.68 -0.16 -6.73
C GLU A 182 -7.31 0.42 -7.06
N ARG A 183 -6.54 -0.29 -7.87
CA ARG A 183 -5.24 0.18 -8.26
C ARG A 183 -5.34 0.73 -9.68
N ASN A 184 -6.29 1.66 -9.86
CA ASN A 184 -6.51 2.29 -11.16
C ASN A 184 -5.72 3.60 -11.29
N GLN A 185 -4.81 3.61 -12.25
CA GLN A 185 -4.00 4.77 -12.55
C GLN A 185 -3.25 5.31 -11.33
N PRO A 186 -2.46 4.45 -10.67
CA PRO A 186 -1.55 4.93 -9.64
C PRO A 186 -0.38 5.68 -10.25
N ILE A 187 0.34 6.40 -9.42
CA ILE A 187 1.64 6.92 -9.79
C ILE A 187 2.66 6.01 -9.12
N VAL A 188 3.53 5.38 -9.91
CA VAL A 188 4.46 4.40 -9.41
C VAL A 188 5.90 4.74 -9.78
N PHE A 189 6.76 4.83 -8.76
CA PHE A 189 8.19 4.92 -8.99
C PHE A 189 8.85 3.59 -8.60
N ASN A 190 9.79 3.14 -9.44
CA ASN A 190 10.55 1.91 -9.17
C ASN A 190 11.80 2.20 -8.34
N PHE A 191 11.80 1.67 -7.13
CA PHE A 191 12.97 1.75 -6.25
C PHE A 191 13.88 0.56 -6.53
N GLY A 192 13.29 -0.63 -6.67
CA GLY A 192 14.05 -1.83 -7.02
C GLY A 192 14.64 -2.65 -5.87
N HIS A 193 14.25 -2.35 -4.63
CA HIS A 193 14.72 -3.14 -3.48
C HIS A 193 13.60 -3.24 -2.45
N THR A 194 13.68 -4.22 -1.57
CA THR A 194 12.61 -4.46 -0.59
C THR A 194 12.78 -3.67 0.71
N SER A 195 13.96 -3.09 0.91
N SER A 195 13.96 -3.10 0.92
CA SER A 195 14.19 -2.20 2.05
CA SER A 195 14.19 -2.20 2.06
C SER A 195 14.91 -0.94 1.57
C SER A 195 14.92 -0.94 1.57
N PRO A 196 14.57 0.23 2.14
CA PRO A 196 15.26 1.48 1.84
C PRO A 196 16.76 1.44 2.13
N SER A 197 17.14 0.67 3.16
CA SER A 197 18.55 0.54 3.52
C SER A 197 19.43 0.03 2.41
N ALA A 198 18.85 -0.52 1.33
CA ALA A 198 19.66 -0.96 0.18
C ALA A 198 20.21 0.24 -0.59
N ASN A 199 19.52 1.38 -0.53
CA ASN A 199 19.97 2.62 -1.16
C ASN A 199 19.16 3.81 -0.66
N LEU A 200 19.58 4.38 0.46
CA LEU A 200 18.79 5.37 1.19
C LEU A 200 18.70 6.73 0.47
N SER A 201 19.75 7.12 -0.23
CA SER A 201 19.72 8.38 -0.98
C SER A 201 18.77 8.30 -2.18
N LEU A 202 18.74 7.16 -2.85
CA LEU A 202 17.74 6.92 -3.90
C LEU A 202 16.32 6.88 -3.33
N TYR A 203 16.17 6.28 -2.15
CA TYR A 203 14.86 6.20 -1.54
C TYR A 203 14.30 7.59 -1.25
N GLU A 204 15.16 8.48 -0.77
CA GLU A 204 14.74 9.84 -0.47
C GLU A 204 14.47 10.66 -1.74
N ALA A 205 15.33 10.55 -2.74
CA ALA A 205 15.09 11.17 -4.03
C ALA A 205 13.73 10.77 -4.61
N LEU A 206 13.36 9.49 -4.49
CA LEU A 206 12.09 9.01 -5.07
C LEU A 206 10.84 9.56 -4.38
N PHE A 207 10.81 9.55 -3.05
CA PHE A 207 9.66 10.11 -2.34
C PHE A 207 9.62 11.64 -2.37
N LYS A 208 10.76 12.29 -2.55
CA LYS A 208 10.77 13.73 -2.79
C LYS A 208 10.14 14.05 -4.15
N GLU A 209 10.44 13.23 -5.16
CA GLU A 209 9.85 13.42 -6.48
C GLU A 209 8.37 13.02 -6.49
N MET A 210 8.02 12.01 -5.69
CA MET A 210 6.63 11.68 -5.47
C MET A 210 5.88 12.92 -4.94
N ALA A 211 6.37 13.49 -3.85
CA ALA A 211 5.75 14.69 -3.23
C ALA A 211 5.59 15.87 -4.18
N THR A 212 6.61 16.18 -4.96
CA THR A 212 6.57 17.29 -5.92
C THR A 212 5.59 17.02 -7.06
N THR A 213 5.61 15.80 -7.58
CA THR A 213 4.73 15.39 -8.66
C THR A 213 3.29 15.49 -8.17
N LEU A 214 3.07 14.98 -6.97
CA LEU A 214 1.74 15.01 -6.36
C LEU A 214 1.26 16.44 -6.17
N ASN A 215 2.13 17.30 -5.67
CA ASN A 215 1.79 18.71 -5.51
C ASN A 215 1.38 19.41 -6.80
N ALA A 216 1.96 19.02 -7.92
CA ALA A 216 1.58 19.62 -9.22
C ALA A 216 0.26 19.05 -9.70
N GLN A 217 0.11 17.73 -9.64
CA GLN A 217 -1.11 17.05 -10.08
C GLN A 217 -2.34 17.56 -9.36
N ILE A 218 -2.23 17.84 -8.06
CA ILE A 218 -3.39 18.30 -7.28
C ILE A 218 -3.80 19.74 -7.60
N GLN A 219 -2.94 20.51 -8.25
CA GLN A 219 -3.32 21.86 -8.70
C GLN A 219 -4.37 21.81 -9.80
N GLU A 220 -4.44 20.68 -10.51
CA GLU A 220 -5.41 20.44 -11.58
C GLU A 220 -6.65 19.62 -11.14
N ASN A 221 -6.82 19.40 -9.83
CA ASN A 221 -7.89 18.56 -9.30
C ASN A 221 -8.31 19.03 -7.91
N ASP A 222 -9.40 19.79 -7.85
CA ASP A 222 -9.84 20.42 -6.60
C ASP A 222 -10.19 19.41 -5.53
N GLU A 223 -10.85 18.32 -5.93
CA GLU A 223 -11.33 17.33 -4.98
C GLU A 223 -10.18 16.50 -4.40
N ALA A 224 -9.19 16.20 -5.23
CA ALA A 224 -7.98 15.53 -4.73
C ALA A 224 -7.19 16.44 -3.78
N LYS A 225 -7.10 17.73 -4.09
CA LYS A 225 -6.37 18.70 -3.26
C LYS A 225 -6.97 18.77 -1.85
N ILE A 226 -8.29 18.93 -1.75
CA ILE A 226 -8.94 19.00 -0.44
C ILE A 226 -9.09 17.61 0.23
N GLY A 227 -8.97 16.54 -0.56
CA GLY A 227 -8.97 15.20 0.00
C GLY A 227 -7.82 14.93 0.95
N GLY A 228 -6.67 15.54 0.70
CA GLY A 228 -5.51 15.34 1.54
C GLY A 228 -4.79 14.05 1.24
N MET A 229 -3.84 13.70 2.11
CA MET A 229 -3.03 12.50 1.94
C MET A 229 -2.96 11.69 3.19
N ILE A 230 -3.02 10.37 3.02
CA ILE A 230 -2.72 9.43 4.08
C ILE A 230 -1.48 8.67 3.63
N ILE A 231 -0.37 8.84 4.35
CA ILE A 231 0.92 8.32 3.96
C ILE A 231 1.35 7.18 4.86
N ASN A 232 1.45 5.98 4.28
CA ASN A 232 1.95 4.82 4.99
C ASN A 232 3.46 4.69 4.77
N THR A 233 4.20 4.49 5.85
CA THR A 233 5.65 4.32 5.79
C THR A 233 6.03 2.89 6.13
N CYS A 234 7.29 2.55 5.91
CA CYS A 234 7.81 1.25 6.27
C CYS A 234 8.14 1.23 7.76
N GLY A 235 8.53 0.06 8.26
CA GLY A 235 8.81 -0.14 9.68
C GLY A 235 10.20 0.24 10.19
N TRP A 236 11.05 0.81 9.34
CA TRP A 236 12.43 1.09 9.71
C TRP A 236 12.45 2.44 10.43
N VAL A 237 12.34 2.39 11.74
CA VAL A 237 12.29 3.58 12.57
C VAL A 237 13.60 3.89 13.31
N ASP A 238 14.58 2.96 13.25
CA ASP A 238 15.87 3.12 13.94
C ASP A 238 16.97 3.59 13.01
N GLY A 239 18.03 4.12 13.61
CA GLY A 239 19.21 4.57 12.87
C GLY A 239 18.87 5.62 11.85
N GLU A 240 19.31 5.37 10.61
CA GLU A 240 19.06 6.28 9.49
C GLU A 240 17.58 6.31 9.12
N GLY A 241 16.86 5.23 9.48
CA GLY A 241 15.41 5.18 9.28
C GLY A 241 14.72 6.35 9.94
N TYR A 242 15.29 6.81 11.06
CA TYR A 242 14.72 7.90 11.84
C TYR A 242 14.77 9.27 11.13
N LYS A 243 15.96 9.71 10.72
CA LYS A 243 16.08 10.96 9.94
C LYS A 243 15.25 10.90 8.66
N CYS A 244 15.05 9.71 8.12
CA CYS A 244 14.21 9.51 6.94
C CYS A 244 12.72 9.81 7.22
N ILE A 245 12.24 9.53 8.43
CA ILE A 245 10.87 9.92 8.81
C ILE A 245 10.73 11.44 8.81
N VAL A 246 11.79 12.12 9.23
CA VAL A 246 11.75 13.56 9.38
C VAL A 246 11.76 14.25 8.01
N LYS A 247 12.52 13.68 7.07
CA LYS A 247 12.54 14.16 5.69
C LYS A 247 11.21 13.88 4.99
N ALA A 248 10.57 12.76 5.30
CA ALA A 248 9.26 12.47 4.70
C ALA A 248 8.19 13.41 5.24
N ALA A 249 8.25 13.72 6.53
CA ALA A 249 7.34 14.70 7.13
C ALA A 249 7.54 16.09 6.51
N SER A 250 8.78 16.42 6.21
CA SER A 250 9.12 17.71 5.59
C SER A 250 8.67 17.80 4.12
N ALA A 251 9.06 16.80 3.31
CA ALA A 251 8.78 16.78 1.88
C ALA A 251 7.27 16.82 1.57
N PHE A 252 6.47 16.04 2.28
CA PHE A 252 5.02 16.01 2.09
C PHE A 252 4.24 17.05 2.90
N GLU A 253 4.95 17.91 3.63
CA GLU A 253 4.36 18.98 4.42
C GLU A 253 3.20 18.48 5.28
N VAL A 254 3.44 17.41 6.03
CA VAL A 254 2.39 16.78 6.81
C VAL A 254 1.97 17.68 7.96
N ASP A 255 0.67 17.64 8.25
CA ASP A 255 0.05 18.37 9.35
C ASP A 255 0.06 17.51 10.61
N VAL A 256 -0.09 16.19 10.44
CA VAL A 256 -0.26 15.25 11.54
C VAL A 256 0.65 14.04 11.37
N VAL A 257 1.34 13.68 12.44
CA VAL A 257 2.09 12.44 12.50
C VAL A 257 1.46 11.55 13.55
N ILE A 258 1.05 10.35 13.13
CA ILE A 258 0.48 9.34 14.03
C ILE A 258 1.57 8.32 14.28
N VAL A 259 1.98 8.16 15.54
CA VAL A 259 2.94 7.12 15.89
C VAL A 259 2.17 5.93 16.50
N LEU A 260 2.36 4.75 15.93
CA LEU A 260 1.70 3.54 16.44
C LEU A 260 2.65 2.70 17.27
N ASP A 261 2.34 2.57 18.56
CA ASP A 261 3.03 1.64 19.44
C ASP A 261 4.55 1.78 19.45
N HIS A 262 5.04 3.02 19.56
CA HIS A 262 6.47 3.27 19.79
C HIS A 262 6.69 4.57 20.59
N GLU A 263 6.80 4.45 21.91
CA GLU A 263 6.87 5.63 22.78
C GLU A 263 8.18 6.40 22.69
N ARG A 264 9.30 5.72 22.51
CA ARG A 264 10.57 6.43 22.29
C ARG A 264 10.56 7.19 20.97
N LEU A 265 10.01 6.59 19.92
CA LEU A 265 9.93 7.26 18.63
C LEU A 265 9.03 8.49 18.72
N TYR A 266 7.85 8.32 19.31
CA TYR A 266 6.96 9.44 19.59
C TYR A 266 7.69 10.55 20.34
N SER A 267 8.41 10.17 21.39
CA SER A 267 9.13 11.12 22.23
C SER A 267 10.23 11.89 21.48
N ASP A 268 10.89 11.23 20.53
CA ASP A 268 11.95 11.85 19.72
C ASP A 268 11.38 12.77 18.64
N LEU A 269 10.32 12.35 17.98
CA LEU A 269 9.73 13.20 16.95
C LEU A 269 9.14 14.48 17.54
N SER A 270 8.63 14.39 18.77
CA SER A 270 8.03 15.53 19.45
C SER A 270 9.01 16.68 19.66
N LYS A 271 10.31 16.36 19.71
CA LYS A 271 11.34 17.37 19.94
C LYS A 271 11.94 17.91 18.65
N GLU A 272 11.72 17.21 17.53
CA GLU A 272 12.38 17.55 16.27
C GLU A 272 11.44 18.13 15.22
N LEU A 273 10.18 17.72 15.22
CA LEU A 273 9.21 18.21 14.25
C LEU A 273 8.85 19.66 14.56
N PRO A 274 8.52 20.45 13.53
CA PRO A 274 8.03 21.80 13.77
C PRO A 274 6.83 21.81 14.73
N GLU A 275 6.67 22.89 15.49
CA GLU A 275 5.62 22.97 16.51
C GLU A 275 4.21 22.86 15.93
N PHE A 276 4.01 23.28 14.68
CA PHE A 276 2.68 23.23 14.05
C PHE A 276 2.23 21.81 13.72
N VAL A 277 3.18 20.90 13.54
CA VAL A 277 2.88 19.51 13.24
C VAL A 277 2.32 18.85 14.49
N ARG A 278 1.11 18.31 14.40
CA ARG A 278 0.49 17.60 15.52
C ARG A 278 0.97 16.15 15.58
N LEU A 279 1.36 15.71 16.76
CA LEU A 279 1.94 14.40 16.95
C LEU A 279 1.03 13.63 17.90
N THR A 280 0.53 12.47 17.46
CA THR A 280 -0.32 11.64 18.29
C THR A 280 0.20 10.21 18.41
N HIS A 281 0.20 9.68 19.63
CA HIS A 281 0.57 8.31 19.89
C HIS A 281 -0.70 7.49 20.16
N VAL A 282 -0.87 6.42 19.39
CA VAL A 282 -2.00 5.51 19.52
C VAL A 282 -1.44 4.09 19.72
N PRO A 283 -2.12 3.27 20.53
CA PRO A 283 -1.60 1.90 20.67
C PRO A 283 -1.96 1.04 19.44
N LYS A 284 -1.27 -0.08 19.25
CA LYS A 284 -1.67 -1.03 18.21
C LYS A 284 -2.85 -1.82 18.75
N SER A 285 -3.70 -2.29 17.85
CA SER A 285 -4.84 -3.13 18.22
C SER A 285 -4.36 -4.46 18.76
N GLY A 286 -5.09 -5.00 19.74
CA GLY A 286 -4.83 -6.34 20.24
C GLY A 286 -5.00 -7.45 19.22
N GLY A 287 -5.57 -7.12 18.05
CA GLY A 287 -5.74 -8.09 16.97
C GLY A 287 -4.62 -8.11 15.93
N VAL A 288 -3.67 -7.17 16.02
CA VAL A 288 -2.50 -7.24 15.16
C VAL A 288 -1.60 -8.37 15.63
N GLU A 289 -1.18 -9.21 14.69
CA GLU A 289 -0.32 -10.35 15.03
C GLU A 289 1.03 -10.19 14.34
N GLN A 290 2.06 -10.69 15.00
CA GLN A 290 3.42 -10.57 14.51
C GLN A 290 3.60 -11.55 13.36
N ARG A 291 4.19 -11.10 12.26
CA ARG A 291 4.48 -11.97 11.11
C ARG A 291 5.98 -12.19 10.99
N THR A 292 6.38 -13.43 10.69
CA THR A 292 7.79 -13.77 10.48
C THR A 292 8.27 -13.29 9.11
N GLY A 293 9.58 -13.36 8.87
CA GLY A 293 10.14 -13.04 7.56
C GLY A 293 9.64 -13.95 6.45
N GLN A 294 9.46 -15.23 6.76
CA GLN A 294 8.87 -16.22 5.84
C GLN A 294 7.48 -15.81 5.33
N ILE A 295 6.68 -15.24 6.24
CA ILE A 295 5.32 -14.78 5.93
C ILE A 295 5.35 -13.52 5.05
N ARG A 296 6.20 -12.56 5.43
CA ARG A 296 6.33 -11.33 4.65
C ARG A 296 6.97 -11.56 3.28
N SER A 297 7.91 -12.50 3.21
CA SER A 297 8.50 -12.91 1.93
C SER A 297 7.44 -13.57 1.03
N LYS A 298 6.64 -14.47 1.61
CA LYS A 298 5.55 -15.11 0.89
C LYS A 298 4.52 -14.07 0.43
N MET A 299 4.32 -13.03 1.22
CA MET A 299 3.35 -12.00 0.90
C MET A 299 3.84 -11.05 -0.19
N ARG A 300 5.15 -10.86 -0.27
CA ARG A 300 5.72 -10.08 -1.37
C ARG A 300 5.48 -10.83 -2.67
N GLY A 301 5.70 -12.15 -2.63
CA GLY A 301 5.42 -13.04 -3.75
C GLY A 301 3.98 -13.02 -4.24
N GLU A 302 3.01 -13.09 -3.32
CA GLU A 302 1.58 -13.04 -3.69
C GLU A 302 1.20 -11.68 -4.27
N ASN A 303 1.85 -10.63 -3.81
CA ASN A 303 1.66 -9.30 -4.37
C ASN A 303 2.13 -9.24 -5.82
N VAL A 304 3.29 -9.81 -6.11
CA VAL A 304 3.74 -9.92 -7.50
C VAL A 304 2.73 -10.71 -8.32
N HIS A 305 2.30 -11.86 -7.81
CA HIS A 305 1.34 -12.71 -8.54
C HIS A 305 0.05 -11.96 -8.85
N ARG A 306 -0.44 -11.23 -7.87
CA ARG A 306 -1.63 -10.42 -8.04
C ARG A 306 -1.45 -9.34 -9.10
N TYR A 307 -0.28 -8.72 -9.11
CA TYR A 307 -0.01 -7.66 -10.06
C TYR A 307 -0.27 -8.11 -11.51
N PHE A 308 0.13 -9.34 -11.82
CA PHE A 308 -0.03 -9.86 -13.17
C PHE A 308 -1.36 -10.58 -13.38
N TYR A 309 -1.75 -11.39 -12.40
CA TYR A 309 -2.92 -12.26 -12.55
C TYR A 309 -4.19 -11.73 -11.87
N GLY A 310 -4.08 -10.62 -11.15
CA GLY A 310 -5.22 -10.07 -10.42
C GLY A 310 -5.76 -11.01 -9.36
N THR A 311 -6.98 -10.75 -8.90
CA THR A 311 -7.62 -11.52 -7.83
C THR A 311 -8.63 -12.53 -8.35
N ARG A 312 -9.25 -13.28 -7.45
CA ARG A 312 -10.33 -14.21 -7.78
C ARG A 312 -11.57 -13.51 -8.35
N ALA A 313 -11.98 -12.44 -7.67
CA ALA A 313 -13.09 -11.58 -8.11
C ALA A 313 -12.77 -10.85 -9.42
N ASN A 314 -11.55 -10.31 -9.52
CA ASN A 314 -11.07 -9.69 -10.76
C ASN A 314 -9.80 -10.36 -11.31
N ASN A 315 -10.01 -11.43 -12.06
CA ASN A 315 -8.92 -12.11 -12.75
C ASN A 315 -8.38 -11.21 -13.82
N LEU A 316 -7.08 -10.94 -13.78
CA LEU A 316 -6.40 -10.23 -14.86
C LEU A 316 -5.71 -11.29 -15.72
N TYR A 317 -5.70 -11.04 -17.03
CA TYR A 317 -5.18 -12.01 -17.99
C TYR A 317 -3.95 -11.43 -18.69
N PRO A 318 -2.74 -11.76 -18.20
CA PRO A 318 -1.50 -11.22 -18.75
C PRO A 318 -1.00 -11.97 -19.98
N PHE A 319 -0.11 -11.34 -20.72
CA PHE A 319 0.42 -11.91 -21.95
C PHE A 319 1.86 -12.38 -21.76
N THR A 320 2.19 -13.50 -22.38
CA THR A 320 3.55 -14.05 -22.31
C THR A 320 4.14 -14.08 -23.71
N PHE A 321 4.98 -13.09 -24.03
CA PHE A 321 5.56 -13.01 -25.38
C PHE A 321 7.06 -12.73 -25.38
N ASP A 322 7.66 -12.94 -26.54
CA ASP A 322 9.11 -12.80 -26.74
C ASP A 322 9.47 -11.40 -27.23
N VAL A 323 10.54 -10.85 -26.67
CA VAL A 323 11.06 -9.56 -27.10
C VAL A 323 12.50 -9.74 -27.53
N SER A 324 12.89 -9.06 -28.59
CA SER A 324 14.29 -9.07 -29.06
C SER A 324 15.09 -8.10 -28.21
N PHE A 325 16.35 -8.42 -27.94
CA PHE A 325 17.22 -7.52 -27.17
C PHE A 325 17.57 -6.25 -27.96
N ASP A 326 17.46 -6.32 -29.28
CA ASP A 326 17.63 -5.16 -30.14
C ASP A 326 16.49 -4.14 -29.98
N ASP A 327 15.31 -4.62 -29.57
CA ASP A 327 14.13 -3.76 -29.47
C ASP A 327 14.01 -3.01 -28.14
N VAL A 328 14.84 -3.38 -27.16
CA VAL A 328 14.81 -2.77 -25.82
C VAL A 328 16.20 -2.41 -25.29
N THR A 329 16.20 -1.50 -24.31
CA THR A 329 17.39 -1.17 -23.52
C THR A 329 17.16 -1.56 -22.05
N LEU A 330 18.01 -2.44 -21.55
CA LEU A 330 18.00 -2.82 -20.14
C LEU A 330 18.91 -1.89 -19.36
N CYS A 331 18.44 -1.39 -18.22
CA CYS A 331 19.29 -0.55 -17.37
C CYS A 331 19.02 -0.74 -15.88
N LYS A 332 19.95 -0.25 -15.07
CA LYS A 332 19.95 -0.47 -13.63
C LYS A 332 20.40 0.79 -12.92
N ILE A 333 19.68 1.19 -11.88
CA ILE A 333 20.09 2.33 -11.06
C ILE A 333 20.90 1.82 -9.88
N GLY A 334 22.14 2.30 -9.76
CA GLY A 334 23.03 1.89 -8.68
C GLY A 334 24.28 1.20 -9.19
N HIS A 352 26.91 8.10 -7.10
CA HIS A 352 27.08 6.69 -7.45
C HIS A 352 25.84 5.88 -7.09
N GLU A 353 25.22 6.21 -5.96
CA GLU A 353 23.97 5.57 -5.55
C GLU A 353 22.81 5.89 -6.50
N THR A 354 22.91 7.03 -7.20
CA THR A 354 21.87 7.49 -8.10
C THR A 354 22.30 7.56 -9.57
N LYS A 355 23.22 6.69 -9.99
CA LYS A 355 23.66 6.67 -11.38
C LYS A 355 23.05 5.51 -12.18
N LEU A 356 22.78 5.75 -13.46
CA LEU A 356 22.21 4.75 -14.35
C LEU A 356 23.32 3.95 -15.00
N VAL A 357 23.06 2.65 -15.18
CA VAL A 357 24.01 1.75 -15.81
C VAL A 357 23.28 0.93 -16.85
N ILE A 358 23.85 0.83 -18.05
CA ILE A 358 23.28 0.01 -19.11
C ILE A 358 23.71 -1.45 -18.91
N MET A 359 22.73 -2.35 -18.85
CA MET A 359 22.98 -3.78 -18.68
C MET A 359 22.96 -4.49 -20.03
N GLU A 360 23.90 -5.39 -20.24
CA GLU A 360 23.81 -6.30 -21.38
C GLU A 360 22.94 -7.47 -20.92
N PRO A 361 22.07 -7.97 -21.82
CA PRO A 361 21.25 -9.13 -21.47
C PRO A 361 22.10 -10.29 -20.99
N SER A 362 21.68 -10.91 -19.89
CA SER A 362 22.43 -11.95 -19.23
C SER A 362 21.47 -12.98 -18.70
N ALA A 363 21.99 -14.11 -18.23
CA ALA A 363 21.15 -15.12 -17.60
C ALA A 363 20.73 -14.67 -16.21
N ASP A 364 21.48 -13.71 -15.65
CA ASP A 364 21.20 -13.20 -14.30
C ASP A 364 19.98 -12.27 -14.20
N ILE A 365 19.40 -11.87 -15.33
CA ILE A 365 18.15 -11.09 -15.31
C ILE A 365 16.90 -11.97 -15.25
N LYS A 366 17.09 -13.28 -15.39
CA LYS A 366 15.98 -14.25 -15.30
C LYS A 366 15.26 -14.16 -13.94
N HIS A 367 13.93 -14.16 -13.99
CA HIS A 367 13.05 -14.09 -12.80
C HIS A 367 12.94 -12.72 -12.14
N HIS A 368 13.67 -11.74 -12.66
CA HIS A 368 13.64 -10.38 -12.11
C HIS A 368 12.48 -9.57 -12.69
N LEU A 369 11.97 -8.62 -11.91
CA LEU A 369 11.00 -7.66 -12.42
C LEU A 369 11.75 -6.58 -13.17
N PHE A 370 11.12 -6.02 -14.18
CA PHE A 370 11.64 -4.84 -14.88
C PHE A 370 10.54 -3.81 -15.06
N ALA A 371 10.84 -2.56 -14.75
CA ALA A 371 9.87 -1.48 -14.87
C ALA A 371 9.94 -0.84 -16.25
N PHE A 372 8.79 -0.60 -16.86
CA PHE A 372 8.71 0.13 -18.12
C PHE A 372 8.75 1.63 -17.81
N SER A 373 9.91 2.26 -18.02
CA SER A 373 10.08 3.67 -17.70
C SER A 373 9.25 4.56 -18.62
N ARG A 374 8.83 5.72 -18.10
CA ARG A 374 8.15 6.74 -18.89
C ARG A 374 9.15 7.67 -19.59
N SER A 375 10.43 7.53 -19.29
CA SER A 375 11.49 8.22 -20.02
C SER A 375 11.75 7.47 -21.33
N THR A 376 11.83 8.19 -22.45
CA THR A 376 12.03 7.55 -23.76
C THR A 376 13.48 7.15 -24.02
N LYS A 377 14.42 7.67 -23.23
CA LYS A 377 15.83 7.31 -23.38
C LYS A 377 16.48 6.97 -22.04
N ALA A 378 17.43 6.04 -22.07
CA ALA A 378 18.15 5.58 -20.87
C ALA A 378 19.19 6.60 -20.40
N ASP A 379 18.73 7.67 -19.76
CA ASP A 379 19.61 8.78 -19.35
C ASP A 379 19.26 9.23 -17.92
N GLU A 380 19.56 10.48 -17.59
CA GLU A 380 19.32 10.99 -16.22
C GLU A 380 17.83 11.04 -15.88
N ASN A 381 16.97 11.03 -16.88
CA ASN A 381 15.53 11.17 -16.67
C ASN A 381 14.90 9.91 -16.10
N VAL A 382 15.57 8.77 -16.27
CA VAL A 382 15.05 7.47 -15.83
C VAL A 382 14.89 7.41 -14.30
N LEU A 383 15.91 7.91 -13.62
CA LEU A 383 15.96 7.95 -12.15
C LEU A 383 14.68 8.49 -11.51
N LYS A 384 14.34 9.72 -11.84
CA LYS A 384 13.20 10.43 -11.24
C LYS A 384 11.91 10.34 -12.06
N SER A 385 11.85 9.44 -13.05
CA SER A 385 10.64 9.26 -13.85
C SER A 385 9.76 8.16 -13.28
N PRO A 386 8.45 8.41 -13.20
CA PRO A 386 7.59 7.29 -12.83
C PRO A 386 7.58 6.24 -13.95
N VAL A 387 6.92 5.11 -13.72
CA VAL A 387 6.91 3.99 -14.65
C VAL A 387 5.49 3.66 -15.08
N PHE A 388 5.35 3.02 -16.24
CA PHE A 388 4.07 2.60 -16.78
C PHE A 388 3.58 1.37 -16.06
N GLY A 389 4.51 0.52 -15.67
CA GLY A 389 4.18 -0.75 -15.05
C GLY A 389 5.36 -1.70 -15.11
N PHE A 390 5.09 -2.98 -14.90
CA PHE A 390 6.17 -3.95 -14.75
C PHE A 390 5.94 -5.15 -15.62
N CYS A 391 7.04 -5.78 -16.00
CA CYS A 391 7.01 -7.13 -16.54
C CYS A 391 7.95 -8.00 -15.70
N LEU A 392 7.89 -9.30 -15.95
CA LEU A 392 8.76 -10.28 -15.31
C LEU A 392 9.44 -11.05 -16.44
N VAL A 393 10.76 -11.18 -16.38
CA VAL A 393 11.49 -11.98 -17.36
C VAL A 393 11.42 -13.47 -16.99
N THR A 394 10.76 -14.27 -17.82
CA THR A 394 10.62 -15.70 -17.53
C THR A 394 11.74 -16.54 -18.15
N GLU A 395 12.08 -16.24 -19.41
CA GLU A 395 13.20 -16.91 -20.09
C GLU A 395 14.17 -15.90 -20.67
N VAL A 396 15.45 -16.26 -20.71
CA VAL A 396 16.44 -15.51 -21.48
C VAL A 396 17.06 -16.47 -22.49
N ASP A 397 16.79 -16.20 -23.78
CA ASP A 397 17.34 -16.99 -24.87
C ASP A 397 18.51 -16.23 -25.52
N LEU A 398 19.71 -16.50 -25.04
CA LEU A 398 20.91 -15.76 -25.46
C LEU A 398 21.33 -16.12 -26.89
N GLU A 399 21.06 -17.36 -27.30
CA GLU A 399 21.36 -17.77 -28.67
C GLU A 399 20.45 -17.07 -29.70
N LYS A 400 19.15 -17.01 -29.42
CA LYS A 400 18.20 -16.30 -30.28
C LYS A 400 18.11 -14.81 -29.97
N ARG A 401 18.85 -14.35 -28.96
CA ARG A 401 18.87 -12.95 -28.55
C ARG A 401 17.48 -12.42 -28.16
N THR A 402 16.69 -13.26 -27.51
CA THR A 402 15.35 -12.88 -27.08
C THR A 402 15.10 -13.27 -25.63
N MET A 403 14.19 -12.55 -24.99
CA MET A 403 13.70 -12.92 -23.67
C MET A 403 12.19 -13.09 -23.75
N SER A 404 11.65 -13.88 -22.83
CA SER A 404 10.21 -14.01 -22.69
C SER A 404 9.81 -13.23 -21.48
N ILE A 405 8.77 -12.43 -21.62
CA ILE A 405 8.27 -11.66 -20.50
C ILE A 405 6.79 -11.95 -20.26
N LEU A 406 6.41 -11.88 -18.99
CA LEU A 406 5.00 -11.83 -18.59
C LEU A 406 4.67 -10.35 -18.45
N CYS A 407 3.58 -9.92 -19.07
CA CYS A 407 3.25 -8.49 -19.17
C CYS A 407 1.74 -8.26 -19.06
N PRO A 408 1.32 -7.19 -18.35
CA PRO A 408 -0.12 -6.94 -18.19
C PRO A 408 -0.85 -6.58 -19.48
N GLN A 409 -0.11 -6.14 -20.51
CA GLN A 409 -0.70 -5.77 -21.81
C GLN A 409 0.03 -6.43 -22.99
N ARG A 410 -0.52 -6.24 -24.18
CA ARG A 410 -0.12 -6.98 -25.38
C ARG A 410 1.28 -6.62 -25.88
N THR A 411 1.56 -5.31 -25.98
CA THR A 411 2.86 -4.81 -26.43
C THR A 411 3.50 -4.00 -25.31
N ILE A 412 4.83 -3.92 -25.31
CA ILE A 412 5.55 -3.13 -24.32
C ILE A 412 5.20 -1.64 -24.45
N PRO A 413 4.87 -0.97 -23.32
CA PRO A 413 4.53 0.46 -23.37
C PRO A 413 5.76 1.38 -23.44
N SER A 414 6.94 0.84 -23.16
CA SER A 414 8.18 1.61 -23.22
C SER A 414 9.32 0.70 -23.65
N LYS A 415 10.27 1.26 -24.37
CA LYS A 415 11.43 0.49 -24.83
C LYS A 415 12.54 0.49 -23.78
N VAL A 416 12.41 1.33 -22.76
CA VAL A 416 13.41 1.42 -21.70
C VAL A 416 12.95 0.64 -20.48
N LEU A 417 13.67 -0.43 -20.16
CA LEU A 417 13.34 -1.35 -19.09
C LEU A 417 14.31 -1.20 -17.91
N VAL A 418 13.78 -0.88 -16.72
CA VAL A 418 14.61 -0.63 -15.54
C VAL A 418 14.55 -1.78 -14.52
N PHE A 419 15.74 -2.28 -14.18
CA PHE A 419 15.93 -3.46 -13.31
C PHE A 419 15.38 -3.26 -11.90
N SER A 420 14.74 -4.31 -11.38
CA SER A 420 14.44 -4.43 -9.95
C SER A 420 15.14 -5.69 -9.44
N ASP A 421 15.63 -5.64 -8.20
CA ASP A 421 16.24 -6.80 -7.55
C ASP A 421 15.18 -7.79 -7.02
N ILE A 422 13.90 -7.41 -7.10
CA ILE A 422 12.82 -8.32 -6.74
C ILE A 422 12.68 -9.43 -7.79
N THR A 423 12.78 -10.67 -7.34
CA THR A 423 12.62 -11.83 -8.21
C THR A 423 11.32 -12.56 -7.89
N HIS A 424 10.78 -13.26 -8.89
CA HIS A 424 9.56 -14.03 -8.71
C HIS A 424 9.59 -15.31 -9.55
N LEU A 425 9.24 -16.42 -8.90
CA LEU A 425 9.02 -17.70 -9.58
C LEU A 425 7.50 -17.90 -9.80
N ASP A 426 7.09 -17.92 -11.07
CA ASP A 426 5.68 -17.90 -11.46
C ASP A 426 4.95 -19.21 -11.13
PB ADP C . 1.71 -3.26 9.51
O1B ADP C . 1.92 -2.30 10.65
O2B ADP C . 1.29 -2.64 8.19
O3B ADP C . 2.78 -4.30 9.32
PA ADP C . -0.77 -4.55 9.02
O1A ADP C . -1.69 -3.35 9.04
O2A ADP C . -0.28 -5.11 7.73
O3A ADP C . 0.46 -4.15 9.98
O5' ADP C . -1.43 -5.75 9.83
C5' ADP C . -0.76 -7.00 10.00
C4' ADP C . -1.78 -8.13 9.88
O4' ADP C . -2.71 -8.07 10.97
C3' ADP C . -2.63 -8.01 8.61
O3' ADP C . -2.85 -9.32 8.09
C2' ADP C . -3.96 -7.47 9.08
O2' ADP C . -5.06 -7.94 8.27
C1' ADP C . -4.05 -8.00 10.49
N9 ADP C . -4.86 -7.13 11.38
C8 ADP C . -4.75 -5.79 11.54
N7 ADP C . -5.67 -5.33 12.45
C5 ADP C . -6.35 -6.41 12.88
C6 ADP C . -7.43 -6.67 13.85
N6 ADP C . -8.01 -5.67 14.55
N1 ADP C . -7.85 -7.93 14.01
C2 ADP C . -7.33 -8.95 13.32
N3 ADP C . -6.33 -8.78 12.44
C4 ADP C . -5.81 -7.57 12.19
MG MG D . 2.40 -1.99 6.53
N SAR E . -5.77 -14.25 21.50
CA SAR E . -6.87 -13.91 22.41
C SAR E . -7.94 -14.98 22.46
O SAR E . -9.02 -14.80 23.04
CN SAR E . -4.84 -13.24 21.01
OXT SAR E . -7.79 -16.08 21.94
O1 2PE F . -20.73 11.91 10.59
C2 2PE F . -21.73 10.99 10.13
C3 2PE F . -21.66 10.82 8.62
O4 2PE F . -20.29 10.73 8.19
C5 2PE F . -19.94 9.54 7.47
C6 2PE F . -18.46 9.24 7.69
O7 2PE F . -18.29 7.86 8.03
C8 2PE F . -17.17 7.57 8.87
C9 2PE F . -17.42 6.25 9.55
O10 2PE F . -18.06 6.47 10.80
C11 2PE F . -18.42 5.29 11.52
C12 2PE F . -19.93 5.21 11.56
O13 2PE F . -20.38 5.59 12.85
#